data_3KKU
#
_entry.id   3KKU
#
_cell.length_a   82.978
_cell.length_b   82.978
_cell.length_c   101.733
_cell.angle_alpha   90.00
_cell.angle_beta   90.00
_cell.angle_gamma   120.00
#
_symmetry.space_group_name_H-M   'P 65 2 2'
#
loop_
_entity.id
_entity.type
_entity.pdbx_description
1 polymer Cruzipain
2 non-polymer N-[2-(1H-benzimidazol-2-yl)ethyl]-2-(2-bromophenoxy)acetamide
3 non-polymer 1,2-ETHANEDIOL
4 non-polymer 'S-methyl methanesulfonothioate'
5 water water
#
_entity_poly.entity_id   1
_entity_poly.type   'polypeptide(L)'
_entity_poly.pdbx_seq_one_letter_code
;APAAVDWRARGAVTAVKDQGQCGSCWAFSAIGNVECQWFLAGHPLTNLSEQMLVSCDKTDSGCSGGLMNNAFEWIVQENN
GAVYTEDSYPYASGEGISPPCTTSGHTVGATITGHVELPQDEAQIAAWLAVNGPVAVAVDASSWMTYTGGVMTSCVSEQL
DHGVLLVGYNDSAAVPYWIIKNSWTTQWGEEGYIRIAKGSNQCLVKEEASSAVVG
;
_entity_poly.pdbx_strand_id   A
#
loop_
_chem_comp.id
_chem_comp.type
_chem_comp.name
_chem_comp.formula
B95 non-polymer N-[2-(1H-benzimidazol-2-yl)ethyl]-2-(2-bromophenoxy)acetamide 'C17 H16 Br N3 O2'
EDO non-polymer 1,2-ETHANEDIOL 'C2 H6 O2'
Z22 non-polymer 'S-methyl methanesulfonothioate' 'C2 H6 O2 S2'
#
# COMPACT_ATOMS: atom_id res chain seq x y z
N ALA A 1 -1.82 -22.96 -2.23
CA ALA A 1 -0.87 -21.93 -1.91
C ALA A 1 -0.14 -22.41 -0.67
N PRO A 2 1.04 -21.85 -0.37
CA PRO A 2 1.76 -22.23 0.84
C PRO A 2 0.93 -21.88 2.08
N ALA A 3 1.22 -22.52 3.19
CA ALA A 3 0.56 -22.21 4.44
C ALA A 3 0.89 -20.81 4.95
N ALA A 4 2.07 -20.30 4.65
CA ALA A 4 2.49 -18.97 5.15
C ALA A 4 3.45 -18.32 4.17
N VAL A 5 3.31 -17.02 4.02
CA VAL A 5 4.14 -16.20 3.12
C VAL A 5 4.42 -14.89 3.84
N ASP A 6 5.65 -14.37 3.71
CA ASP A 6 5.95 -13.06 4.26
C ASP A 6 6.94 -12.40 3.31
N TRP A 7 6.50 -11.48 2.48
CA TRP A 7 7.38 -10.86 1.50
C TRP A 7 8.49 -10.02 2.12
N ARG A 8 8.36 -9.67 3.40
CA ARG A 8 9.48 -9.02 4.08
C ARG A 8 10.70 -9.95 4.10
N ALA A 9 10.45 -11.26 4.26
CA ALA A 9 11.55 -12.21 4.33
C ALA A 9 12.28 -12.28 2.98
N ARG A 10 11.61 -11.89 1.90
CA ARG A 10 12.22 -11.83 0.57
C ARG A 10 13.00 -10.53 0.34
N GLY A 11 12.95 -9.59 1.28
CA GLY A 11 13.63 -8.32 1.09
C GLY A 11 12.86 -7.38 0.17
N ALA A 12 11.56 -7.64 -0.03
CA ALA A 12 10.80 -6.96 -1.06
C ALA A 12 10.08 -5.72 -0.59
N VAL A 13 10.14 -5.41 0.72
CA VAL A 13 9.33 -4.34 1.29
C VAL A 13 10.21 -3.24 1.89
N THR A 14 9.95 -1.98 1.50
CA THR A 14 10.72 -0.88 2.06
C THR A 14 10.35 -0.65 3.51
N ALA A 15 11.13 0.19 4.18
CA ALA A 15 10.84 0.57 5.57
C ALA A 15 9.46 1.16 5.69
N VAL A 16 8.88 1.02 6.87
CA VAL A 16 7.58 1.63 7.19
C VAL A 16 7.70 3.15 7.17
N LYS A 17 6.78 3.81 6.49
CA LYS A 17 6.85 5.26 6.33
CA LYS A 17 6.81 5.26 6.29
C LYS A 17 5.85 5.97 7.25
N ASP A 18 5.79 7.31 7.11
CA ASP A 18 5.11 8.20 8.04
C ASP A 18 4.26 9.19 7.26
N GLN A 19 2.95 8.92 7.14
CA GLN A 19 2.12 9.83 6.34
C GLN A 19 1.88 11.19 7.03
N GLY A 20 2.03 11.23 8.35
CA GLY A 20 1.78 12.45 9.08
C GLY A 20 0.32 12.87 9.00
N GLN A 21 0.10 14.18 9.14
CA GLN A 21 -1.24 14.76 9.30
C GLN A 21 -1.88 15.03 7.92
N CYS A 22 -1.98 14.00 7.10
CA CYS A 22 -2.41 14.11 5.72
C CYS A 22 -3.10 12.81 5.36
N GLY A 23 -4.25 12.88 4.71
CA GLY A 23 -4.98 11.68 4.30
C GLY A 23 -4.43 11.12 3.01
N SER A 24 -3.17 10.72 3.03
CA SER A 24 -2.45 10.27 1.81
C SER A 24 -2.13 8.80 1.86
N CYS A 25 -2.81 8.04 2.71
CA CYS A 25 -2.63 6.60 2.83
CA CYS A 25 -2.51 6.61 2.79
C CYS A 25 -2.83 5.89 1.49
N TRP A 26 -3.77 6.40 0.68
CA TRP A 26 -4.00 5.84 -0.66
C TRP A 26 -2.69 5.85 -1.47
N ALA A 27 -1.92 6.92 -1.33
CA ALA A 27 -0.65 7.06 -2.07
C ALA A 27 0.40 6.14 -1.47
N PHE A 28 0.48 6.05 -0.13
CA PHE A 28 1.43 5.13 0.49
C PHE A 28 1.14 3.69 0.12
N SER A 29 -0.14 3.33 0.04
CA SER A 29 -0.55 2.00 -0.34
C SER A 29 -0.13 1.71 -1.78
N ALA A 30 -0.50 2.60 -2.71
CA ALA A 30 -0.18 2.36 -4.11
C ALA A 30 1.34 2.34 -4.32
N ILE A 31 2.05 3.32 -3.76
CA ILE A 31 3.49 3.38 -3.97
C ILE A 31 4.22 2.25 -3.29
N GLY A 32 3.80 1.85 -2.09
CA GLY A 32 4.41 0.70 -1.44
C GLY A 32 4.26 -0.54 -2.30
N ASN A 33 3.07 -0.70 -2.93
CA ASN A 33 2.86 -1.81 -3.83
C ASN A 33 3.82 -1.74 -5.02
N VAL A 34 3.99 -0.55 -5.61
CA VAL A 34 4.89 -0.43 -6.74
C VAL A 34 6.33 -0.76 -6.30
N GLU A 35 6.74 -0.28 -5.13
CA GLU A 35 8.09 -0.55 -4.65
C GLU A 35 8.35 -2.06 -4.61
N CYS A 36 7.40 -2.81 -4.07
CA CYS A 36 7.60 -4.25 -3.94
C CYS A 36 7.63 -4.90 -5.32
N GLN A 37 6.68 -4.52 -6.20
CA GLN A 37 6.68 -5.10 -7.54
C GLN A 37 7.96 -4.78 -8.31
N TRP A 38 8.47 -3.56 -8.13
CA TRP A 38 9.69 -3.17 -8.84
C TRP A 38 10.87 -4.03 -8.39
N PHE A 39 10.98 -4.30 -7.09
CA PHE A 39 12.01 -5.20 -6.59
C PHE A 39 11.83 -6.60 -7.17
N LEU A 40 10.60 -7.13 -7.11
CA LEU A 40 10.31 -8.50 -7.55
C LEU A 40 10.57 -8.69 -9.05
N ALA A 41 10.50 -7.57 -9.81
CA ALA A 41 10.75 -7.58 -11.27
C ALA A 41 12.26 -7.52 -11.57
N GLY A 42 13.12 -7.70 -10.57
CA GLY A 42 14.55 -7.87 -10.74
C GLY A 42 15.39 -6.63 -10.59
N HIS A 43 14.96 -5.71 -9.72
CA HIS A 43 15.68 -4.44 -9.51
C HIS A 43 15.98 -4.24 -8.05
N PRO A 44 16.99 -3.44 -7.72
CA PRO A 44 17.22 -3.13 -6.31
C PRO A 44 15.99 -2.49 -5.68
N LEU A 45 15.80 -2.78 -4.41
CA LEU A 45 14.70 -2.19 -3.64
C LEU A 45 14.94 -0.69 -3.58
N THR A 46 13.93 0.06 -4.01
CA THR A 46 14.04 1.50 -4.19
C THR A 46 12.83 2.18 -3.56
N ASN A 47 13.05 3.18 -2.69
CA ASN A 47 11.96 4.02 -2.18
C ASN A 47 11.42 4.91 -3.29
N LEU A 48 10.10 4.92 -3.44
CA LEU A 48 9.42 5.65 -4.52
C LEU A 48 8.54 6.76 -3.93
N SER A 49 8.02 7.64 -4.80
CA SER A 49 7.46 8.92 -4.35
C SER A 49 5.94 8.93 -4.15
N GLU A 50 5.51 8.98 -2.88
CA GLU A 50 4.11 9.32 -2.58
C GLU A 50 3.76 10.75 -2.97
N GLN A 51 4.71 11.68 -2.81
CA GLN A 51 4.41 13.08 -3.08
C GLN A 51 4.01 13.31 -4.53
N MET A 52 4.63 12.56 -5.45
CA MET A 52 4.25 12.65 -6.87
C MET A 52 2.74 12.50 -6.99
N LEU A 53 2.16 11.48 -6.34
CA LEU A 53 0.71 11.29 -6.41
C LEU A 53 -0.05 12.39 -5.67
N VAL A 54 0.38 12.67 -4.45
CA VAL A 54 -0.36 13.63 -3.62
C VAL A 54 -0.46 14.98 -4.30
N SER A 55 0.63 15.41 -4.91
CA SER A 55 0.66 16.74 -5.55
C SER A 55 0.13 16.74 -6.99
N CYS A 56 0.34 15.63 -7.74
CA CYS A 56 0.15 15.70 -9.19
C CYS A 56 -1.06 14.95 -9.74
N ASP A 57 -1.56 13.98 -8.97
CA ASP A 57 -2.68 13.16 -9.45
C ASP A 57 -3.98 13.89 -9.12
N LYS A 58 -4.56 14.53 -10.13
CA LYS A 58 -5.74 15.38 -9.88
C LYS A 58 -7.05 14.60 -9.99
N THR A 59 -6.98 13.30 -10.25
CA THR A 59 -8.15 12.43 -10.12
CA THR A 59 -8.17 12.45 -10.10
C THR A 59 -8.42 12.18 -8.64
N ASP A 60 -7.38 11.99 -7.88
CA ASP A 60 -7.41 11.84 -6.41
C ASP A 60 -7.34 13.22 -5.75
N SER A 61 -7.38 13.26 -4.43
CA SER A 61 -7.65 14.52 -3.73
C SER A 61 -6.58 14.84 -2.68
N GLY A 62 -5.32 14.51 -2.96
CA GLY A 62 -4.25 14.99 -2.08
C GLY A 62 -4.40 14.49 -0.66
N CYS A 63 -4.28 15.43 0.28
CA CYS A 63 -4.43 15.09 1.70
C CYS A 63 -5.88 14.83 2.10
N SER A 64 -6.83 15.04 1.19
CA SER A 64 -8.24 14.74 1.44
C SER A 64 -8.64 13.35 0.98
N GLY A 65 -7.73 12.58 0.46
CA GLY A 65 -8.01 11.17 0.20
C GLY A 65 -7.89 10.82 -1.28
N GLY A 66 -8.08 9.54 -1.58
CA GLY A 66 -7.92 9.03 -2.92
C GLY A 66 -8.12 7.54 -2.93
N LEU A 67 -7.94 6.94 -4.11
CA LEU A 67 -8.06 5.50 -4.29
C LEU A 67 -6.84 4.98 -5.00
N MET A 68 -6.29 3.86 -4.53
CA MET A 68 -5.13 3.24 -5.18
C MET A 68 -5.44 2.95 -6.65
N ASN A 69 -6.66 2.49 -6.98
CA ASN A 69 -6.98 2.21 -8.37
C ASN A 69 -6.89 3.44 -9.25
N ASN A 70 -7.31 4.59 -8.75
CA ASN A 70 -7.15 5.83 -9.50
C ASN A 70 -5.70 6.26 -9.61
N ALA A 71 -4.92 6.05 -8.54
CA ALA A 71 -3.51 6.38 -8.59
C ALA A 71 -2.81 5.58 -9.68
N PHE A 72 -3.10 4.27 -9.75
CA PHE A 72 -2.44 3.43 -10.77
C PHE A 72 -2.83 3.90 -12.17
N GLU A 73 -4.11 4.28 -12.38
CA GLU A 73 -4.52 4.76 -13.69
C GLU A 73 -3.82 6.08 -14.02
N TRP A 74 -3.68 6.95 -13.02
CA TRP A 74 -3.01 8.24 -13.26
C TRP A 74 -1.58 8.02 -13.70
N ILE A 75 -0.87 7.15 -12.98
CA ILE A 75 0.53 6.92 -13.32
C ILE A 75 0.65 6.50 -14.79
N VAL A 76 -0.17 5.55 -15.23
CA VAL A 76 -0.07 5.04 -16.59
C VAL A 76 -0.56 6.06 -17.62
N GLN A 77 -1.73 6.65 -17.38
CA GLN A 77 -2.37 7.50 -18.39
C GLN A 77 -1.83 8.90 -18.44
N GLU A 78 -1.40 9.44 -17.28
CA GLU A 78 -0.94 10.83 -17.22
C GLU A 78 0.56 10.97 -17.03
N ASN A 79 1.25 9.94 -16.56
CA ASN A 79 2.66 10.07 -16.24
C ASN A 79 3.52 9.06 -17.01
N ASN A 80 3.03 8.53 -18.14
CA ASN A 80 3.82 7.62 -18.97
C ASN A 80 4.29 6.38 -18.24
N GLY A 81 3.56 5.96 -17.21
CA GLY A 81 3.95 4.79 -16.47
C GLY A 81 5.02 5.07 -15.42
N ALA A 82 5.53 6.31 -15.34
CA ALA A 82 6.69 6.58 -14.49
C ALA A 82 6.28 6.82 -13.04
N VAL A 83 7.07 6.25 -12.14
CA VAL A 83 6.94 6.52 -10.71
C VAL A 83 8.30 7.06 -10.26
N TYR A 84 8.34 8.28 -9.74
CA TYR A 84 9.60 8.93 -9.39
C TYR A 84 10.14 8.34 -8.09
N THR A 85 11.46 8.44 -7.93
CA THR A 85 12.08 8.06 -6.65
C THR A 85 11.66 8.98 -5.52
N GLU A 86 11.63 8.43 -4.32
CA GLU A 86 11.41 9.24 -3.11
CA GLU A 86 11.40 9.23 -3.11
C GLU A 86 12.47 10.33 -2.99
N ASP A 87 13.72 10.00 -3.26
CA ASP A 87 14.79 10.98 -3.08
CA ASP A 87 14.80 10.97 -3.09
C ASP A 87 14.64 12.17 -4.02
N SER A 88 14.14 11.95 -5.24
CA SER A 88 13.97 13.04 -6.21
C SER A 88 12.65 13.77 -6.09
N TYR A 89 11.70 13.20 -5.34
CA TYR A 89 10.39 13.83 -5.17
C TYR A 89 9.93 13.47 -3.76
N PRO A 90 10.58 14.05 -2.74
CA PRO A 90 10.40 13.54 -1.37
C PRO A 90 9.08 13.98 -0.75
N TYR A 91 8.71 13.29 0.32
CA TYR A 91 7.42 13.52 0.95
C TYR A 91 7.44 14.82 1.75
N ALA A 92 6.48 15.68 1.47
CA ALA A 92 6.48 17.02 2.03
C ALA A 92 5.12 17.36 2.68
N SER A 93 4.21 16.38 2.81
CA SER A 93 2.84 16.65 3.22
C SER A 93 2.52 16.30 4.67
N GLY A 94 3.55 15.98 5.46
CA GLY A 94 3.36 15.50 6.82
C GLY A 94 2.68 16.48 7.77
N GLU A 95 2.72 17.78 7.46
CA GLU A 95 2.02 18.75 8.25
C GLU A 95 0.69 19.13 7.62
N GLY A 96 0.28 18.36 6.61
CA GLY A 96 -1.02 18.57 6.01
C GLY A 96 -1.06 19.53 4.84
N ILE A 97 0.08 20.00 4.38
CA ILE A 97 0.13 20.96 3.27
C ILE A 97 0.87 20.28 2.14
N SER A 98 0.14 19.90 1.10
CA SER A 98 0.79 19.33 -0.07
C SER A 98 1.29 20.43 -1.02
N PRO A 99 2.58 20.44 -1.38
CA PRO A 99 3.05 21.45 -2.34
CA PRO A 99 3.06 21.44 -2.35
C PRO A 99 2.37 21.26 -3.70
N PRO A 100 2.30 22.32 -4.51
CA PRO A 100 1.80 22.22 -5.88
CA PRO A 100 1.80 22.21 -5.88
C PRO A 100 2.62 21.21 -6.69
N CYS A 101 2.00 20.58 -7.67
CA CYS A 101 2.70 19.66 -8.55
C CYS A 101 3.92 20.34 -9.21
N THR A 102 5.04 19.64 -9.28
CA THR A 102 6.15 20.05 -10.14
C THR A 102 6.40 18.95 -11.16
N THR A 103 6.42 19.33 -12.43
CA THR A 103 6.53 18.32 -13.47
C THR A 103 7.97 18.08 -13.88
N SER A 104 8.82 19.06 -13.60
CA SER A 104 10.22 19.03 -14.02
C SER A 104 11.15 18.47 -12.99
N GLY A 105 12.21 17.81 -13.45
CA GLY A 105 13.37 17.65 -12.60
C GLY A 105 13.44 16.41 -11.70
N HIS A 106 12.51 15.47 -11.80
CA HIS A 106 12.53 14.28 -10.93
C HIS A 106 13.26 13.14 -11.63
N THR A 107 13.48 12.06 -10.89
CA THR A 107 14.15 10.86 -11.43
C THR A 107 13.18 9.70 -11.44
N VAL A 108 13.02 9.07 -12.60
CA VAL A 108 12.17 7.90 -12.68
C VAL A 108 12.80 6.77 -11.88
N GLY A 109 12.02 6.14 -10.98
CA GLY A 109 12.51 5.01 -10.22
C GLY A 109 11.89 3.69 -10.55
N ALA A 110 10.74 3.67 -11.22
CA ALA A 110 10.08 2.43 -11.62
C ALA A 110 9.12 2.80 -12.76
N THR A 111 8.78 1.81 -13.60
CA THR A 111 7.78 1.99 -14.64
C THR A 111 6.73 0.91 -14.50
N ILE A 112 5.45 1.30 -14.61
CA ILE A 112 4.35 0.33 -14.66
C ILE A 112 3.54 0.51 -15.94
N THR A 113 2.87 -0.55 -16.38
CA THR A 113 2.06 -0.47 -17.59
C THR A 113 0.58 -0.60 -17.28
N GLY A 114 0.24 -0.93 -16.03
CA GLY A 114 -1.15 -1.17 -15.69
C GLY A 114 -1.24 -1.61 -14.26
N HIS A 115 -2.44 -2.06 -13.88
CA HIS A 115 -2.61 -2.70 -12.57
C HIS A 115 -3.71 -3.75 -12.67
N VAL A 116 -3.76 -4.64 -11.69
CA VAL A 116 -4.80 -5.64 -11.58
C VAL A 116 -5.68 -5.31 -10.39
N GLU A 117 -6.98 -5.59 -10.50
CA GLU A 117 -7.90 -5.56 -9.39
C GLU A 117 -8.34 -6.98 -9.15
N LEU A 118 -8.24 -7.45 -7.89
CA LEU A 118 -8.42 -8.86 -7.59
C LEU A 118 -9.84 -9.15 -7.12
N PRO A 119 -10.28 -10.41 -7.24
CA PRO A 119 -11.63 -10.76 -6.78
C PRO A 119 -11.78 -10.45 -5.29
N GLN A 120 -13.03 -10.21 -4.87
CA GLN A 120 -13.35 -9.92 -3.47
C GLN A 120 -13.44 -11.25 -2.72
N ASP A 121 -12.28 -11.88 -2.54
CA ASP A 121 -12.21 -13.26 -2.03
CA ASP A 121 -12.22 -13.20 -1.95
C ASP A 121 -10.85 -13.39 -1.36
N GLU A 122 -10.81 -13.59 -0.04
CA GLU A 122 -9.52 -13.68 0.66
C GLU A 122 -8.66 -14.83 0.17
N ALA A 123 -9.25 -15.98 -0.17
CA ALA A 123 -8.45 -17.11 -0.66
C ALA A 123 -7.77 -16.77 -1.99
N GLN A 124 -8.51 -16.15 -2.91
CA GLN A 124 -7.89 -15.81 -4.21
C GLN A 124 -6.86 -14.70 -4.03
N ILE A 125 -7.14 -13.74 -3.12
CA ILE A 125 -6.12 -12.70 -2.85
C ILE A 125 -4.85 -13.31 -2.30
N ALA A 126 -5.00 -14.23 -1.36
CA ALA A 126 -3.82 -14.86 -0.77
C ALA A 126 -3.06 -15.68 -1.83
N ALA A 127 -3.79 -16.42 -2.69
CA ALA A 127 -3.11 -17.23 -3.71
C ALA A 127 -2.35 -16.32 -4.70
N TRP A 128 -2.94 -15.18 -5.05
CA TRP A 128 -2.27 -14.22 -5.94
C TRP A 128 -1.02 -13.66 -5.24
N LEU A 129 -1.18 -13.24 -3.98
CA LEU A 129 -0.07 -12.67 -3.24
C LEU A 129 1.08 -13.67 -3.11
N ALA A 130 0.76 -14.94 -2.87
CA ALA A 130 1.80 -15.96 -2.68
C ALA A 130 2.75 -16.06 -3.87
N VAL A 131 2.23 -15.85 -5.06
CA VAL A 131 3.00 -15.97 -6.29
C VAL A 131 3.57 -14.62 -6.71
N ASN A 132 2.77 -13.55 -6.58
CA ASN A 132 3.05 -12.28 -7.26
C ASN A 132 3.49 -11.13 -6.39
N GLY A 133 3.32 -11.24 -5.08
CA GLY A 133 3.85 -10.24 -4.17
C GLY A 133 2.77 -9.44 -3.46
N PRO A 134 3.20 -8.42 -2.71
CA PRO A 134 2.30 -7.62 -1.88
C PRO A 134 1.18 -6.96 -2.67
N VAL A 135 0.05 -6.79 -1.98
CA VAL A 135 -1.20 -6.34 -2.61
C VAL A 135 -1.70 -5.12 -1.87
N ALA A 136 -2.00 -4.04 -2.61
CA ALA A 136 -2.62 -2.85 -2.02
C ALA A 136 -4.08 -3.17 -1.66
N VAL A 137 -4.54 -2.79 -0.47
CA VAL A 137 -5.94 -3.01 -0.08
C VAL A 137 -6.48 -1.80 0.65
N ALA A 138 -7.79 -1.58 0.49
CA ALA A 138 -8.54 -0.65 1.32
C ALA A 138 -9.08 -1.39 2.55
N VAL A 139 -9.07 -0.73 3.71
CA VAL A 139 -9.63 -1.32 4.90
C VAL A 139 -10.44 -0.26 5.64
N ASP A 140 -11.28 -0.74 6.57
CA ASP A 140 -11.78 0.09 7.67
C ASP A 140 -10.74 0.01 8.78
N ALA A 141 -10.01 1.10 8.98
CA ALA A 141 -8.98 1.17 10.03
C ALA A 141 -9.45 1.98 11.24
N SER A 142 -10.75 2.24 11.30
CA SER A 142 -11.25 3.10 12.35
C SER A 142 -10.97 2.54 13.72
N SER A 143 -10.93 1.22 13.84
CA SER A 143 -10.68 0.56 15.12
C SER A 143 -9.21 0.17 15.37
N TRP A 144 -8.29 0.75 14.59
CA TRP A 144 -6.86 0.45 14.69
C TRP A 144 -6.11 1.38 15.65
N MET A 145 -6.84 2.29 16.28
CA MET A 145 -6.26 3.38 17.07
C MET A 145 -5.93 2.98 18.51
N THR A 146 -6.09 1.70 18.84
CA THR A 146 -5.57 1.20 20.12
C THR A 146 -4.69 -0.03 19.95
N TYR A 147 -4.44 -0.46 18.70
CA TYR A 147 -3.74 -1.71 18.46
C TYR A 147 -2.30 -1.62 18.93
N THR A 148 -1.88 -2.59 19.74
CA THR A 148 -0.47 -2.65 20.19
C THR A 148 0.18 -4.01 19.92
N GLY A 149 -0.46 -4.85 19.15
CA GLY A 149 0.11 -6.14 18.84
C GLY A 149 -0.89 -7.28 18.97
N GLY A 150 -0.52 -8.44 18.42
CA GLY A 150 -1.38 -9.60 18.43
C GLY A 150 -2.21 -9.68 17.15
N VAL A 151 -3.09 -10.66 17.06
CA VAL A 151 -3.94 -10.81 15.92
C VAL A 151 -5.29 -10.19 16.21
N MET A 152 -5.63 -9.12 15.49
CA MET A 152 -6.95 -8.48 15.66
C MET A 152 -8.06 -9.36 15.13
N THR A 153 -9.08 -9.59 15.97
CA THR A 153 -10.17 -10.51 15.59
C THR A 153 -11.52 -9.83 15.60
N SER A 154 -11.56 -8.58 16.03
CA SER A 154 -12.84 -7.85 16.13
C SER A 154 -12.77 -6.51 15.44
N CYS A 155 -12.11 -6.49 14.29
CA CYS A 155 -12.01 -5.25 13.55
C CYS A 155 -13.39 -4.69 13.18
N VAL A 156 -13.63 -3.41 13.44
CA VAL A 156 -14.84 -2.74 12.99
C VAL A 156 -14.78 -2.72 11.47
N SER A 157 -15.80 -3.27 10.84
CA SER A 157 -15.78 -3.55 9.40
C SER A 157 -17.00 -2.96 8.73
N GLU A 158 -17.04 -1.64 8.68
CA GLU A 158 -18.27 -0.94 8.30
C GLU A 158 -18.11 -0.01 7.13
N GLN A 159 -16.94 0.63 7.03
CA GLN A 159 -16.70 1.63 6.01
C GLN A 159 -15.23 1.74 5.66
N LEU A 160 -14.89 1.49 4.40
CA LEU A 160 -13.52 1.64 3.95
C LEU A 160 -13.07 3.08 4.24
N ASP A 161 -11.86 3.24 4.75
CA ASP A 161 -11.37 4.59 5.08
C ASP A 161 -9.86 4.74 4.99
N HIS A 162 -9.12 3.67 4.64
CA HIS A 162 -7.65 3.73 4.74
C HIS A 162 -7.04 2.77 3.76
N GLY A 163 -5.99 3.19 3.06
CA GLY A 163 -5.23 2.28 2.20
C GLY A 163 -3.99 1.76 2.88
N VAL A 164 -3.75 0.46 2.72
CA VAL A 164 -2.62 -0.24 3.34
C VAL A 164 -2.07 -1.31 2.40
N LEU A 165 -1.15 -2.13 2.86
CA LEU A 165 -0.45 -3.08 1.96
C LEU A 165 -0.37 -4.44 2.62
N LEU A 166 -1.02 -5.44 2.01
CA LEU A 166 -0.84 -6.83 2.46
C LEU A 166 0.53 -7.29 2.05
N VAL A 167 1.34 -7.80 2.99
CA VAL A 167 2.66 -8.30 2.66
C VAL A 167 2.80 -9.80 2.93
N GLY A 168 1.79 -10.44 3.54
CA GLY A 168 1.92 -11.85 3.82
C GLY A 168 0.71 -12.36 4.55
N TYR A 169 0.78 -13.64 4.93
CA TYR A 169 -0.30 -14.29 5.68
C TYR A 169 0.29 -15.52 6.35
N ASN A 170 -0.44 -16.05 7.32
CA ASN A 170 -0.05 -17.28 7.99
C ASN A 170 -1.31 -18.06 8.30
N ASP A 171 -1.53 -19.15 7.56
CA ASP A 171 -2.73 -19.99 7.72
C ASP A 171 -2.53 -21.06 8.79
N SER A 172 -1.31 -21.21 9.29
CA SER A 172 -0.99 -22.27 10.27
CA SER A 172 -1.03 -22.27 10.26
C SER A 172 -1.19 -21.83 11.71
N ALA A 173 -1.28 -20.53 11.94
CA ALA A 173 -1.37 -19.98 13.30
C ALA A 173 -2.69 -20.34 13.96
N ALA A 174 -2.76 -20.25 15.29
CA ALA A 174 -3.98 -20.58 16.01
C ALA A 174 -5.16 -19.72 15.53
N VAL A 175 -4.88 -18.45 15.23
CA VAL A 175 -5.80 -17.61 14.47
C VAL A 175 -5.08 -17.24 13.17
N PRO A 176 -5.51 -17.81 12.02
CA PRO A 176 -4.86 -17.44 10.74
C PRO A 176 -4.91 -15.94 10.54
N TYR A 177 -3.88 -15.37 9.96
CA TYR A 177 -3.84 -13.92 9.85
C TYR A 177 -3.23 -13.40 8.55
N TRP A 178 -3.58 -12.16 8.24
CA TRP A 178 -2.85 -11.34 7.25
C TRP A 178 -1.81 -10.49 7.97
N ILE A 179 -0.71 -10.17 7.25
CA ILE A 179 0.32 -9.26 7.74
C ILE A 179 0.20 -8.01 6.89
N ILE A 180 -0.03 -6.85 7.54
CA ILE A 180 -0.31 -5.60 6.82
C ILE A 180 0.64 -4.50 7.22
N LYS A 181 1.27 -3.89 6.20
CA LYS A 181 2.10 -2.71 6.37
C LYS A 181 1.21 -1.46 6.42
N ASN A 182 1.38 -0.66 7.48
CA ASN A 182 0.69 0.63 7.56
C ASN A 182 1.70 1.74 7.27
N SER A 183 1.26 3.00 7.37
CA SER A 183 2.08 4.17 7.12
C SER A 183 2.04 5.11 8.32
N TRP A 184 2.11 4.51 9.50
CA TRP A 184 2.03 5.23 10.78
C TRP A 184 3.32 5.08 11.59
N THR A 185 4.46 4.95 10.91
CA THR A 185 5.79 4.74 11.51
C THR A 185 5.92 3.35 12.11
N THR A 186 7.15 2.99 12.46
CA THR A 186 7.39 1.72 13.15
C THR A 186 6.96 1.75 14.60
N GLN A 187 6.56 2.93 15.12
CA GLN A 187 6.20 3.03 16.54
CA GLN A 187 6.19 3.11 16.53
C GLN A 187 4.74 2.79 16.83
N TRP A 188 4.00 2.32 15.83
CA TRP A 188 2.65 1.81 16.01
C TRP A 188 2.65 0.32 15.68
N GLY A 189 1.87 -0.48 16.41
CA GLY A 189 1.68 -1.88 16.06
C GLY A 189 2.93 -2.70 16.27
N GLU A 190 3.14 -3.67 15.38
CA GLU A 190 4.27 -4.59 15.47
C GLU A 190 5.31 -4.04 14.51
N GLU A 191 6.13 -3.11 15.00
CA GLU A 191 7.12 -2.43 14.15
C GLU A 191 6.46 -1.84 12.90
N GLY A 192 5.24 -1.31 13.05
CA GLY A 192 4.57 -0.60 11.95
C GLY A 192 3.59 -1.45 11.19
N TYR A 193 3.47 -2.73 11.57
CA TYR A 193 2.59 -3.69 10.91
C TYR A 193 1.44 -4.06 11.85
N ILE A 194 0.37 -4.59 11.28
CA ILE A 194 -0.70 -5.19 12.05
C ILE A 194 -1.01 -6.57 11.48
N ARG A 195 -1.34 -7.50 12.37
CA ARG A 195 -1.90 -8.78 11.95
C ARG A 195 -3.40 -8.72 12.23
N ILE A 196 -4.21 -8.99 11.19
CA ILE A 196 -5.66 -9.11 11.36
C ILE A 196 -6.04 -10.53 10.98
N ALA A 197 -7.07 -11.07 11.64
CA ALA A 197 -7.50 -12.42 11.31
C ALA A 197 -7.85 -12.52 9.83
N LYS A 198 -7.62 -13.70 9.26
CA LYS A 198 -7.83 -13.98 7.85
C LYS A 198 -8.98 -14.98 7.70
N GLY A 199 -9.90 -14.70 6.78
CA GLY A 199 -11.01 -15.61 6.49
C GLY A 199 -12.37 -15.10 6.93
N SER A 200 -12.43 -13.96 7.61
CA SER A 200 -13.70 -13.41 8.08
C SER A 200 -13.95 -11.99 7.57
N ASN A 201 -13.23 -11.60 6.52
CA ASN A 201 -13.35 -10.24 5.98
C ASN A 201 -13.12 -9.16 7.02
N GLN A 202 -12.16 -9.40 7.91
CA GLN A 202 -11.83 -8.39 8.91
C GLN A 202 -11.49 -7.08 8.25
N CYS A 203 -12.10 -6.00 8.74
CA CYS A 203 -11.77 -4.64 8.26
C CYS A 203 -12.13 -4.46 6.80
N LEU A 204 -12.99 -5.33 6.24
CA LEU A 204 -13.39 -5.24 4.84
C LEU A 204 -12.20 -5.46 3.89
N VAL A 205 -11.20 -6.22 4.36
CA VAL A 205 -9.94 -6.35 3.62
C VAL A 205 -10.08 -6.92 2.22
N LYS A 206 -11.12 -7.69 1.92
CA LYS A 206 -11.16 -8.29 0.57
CA LYS A 206 -11.26 -8.32 0.59
C LYS A 206 -11.79 -7.36 -0.46
N GLU A 207 -12.33 -6.20 -0.05
CA GLU A 207 -13.22 -5.45 -0.93
CA GLU A 207 -13.22 -5.43 -0.91
C GLU A 207 -12.56 -4.74 -2.10
N GLU A 208 -11.32 -4.28 -1.91
CA GLU A 208 -10.70 -3.42 -2.92
C GLU A 208 -9.19 -3.68 -2.97
N ALA A 209 -8.84 -4.85 -3.49
CA ALA A 209 -7.45 -5.32 -3.54
C ALA A 209 -6.89 -5.13 -4.94
N SER A 210 -5.64 -4.63 -5.03
CA SER A 210 -5.04 -4.46 -6.35
CA SER A 210 -5.04 -4.28 -6.33
C SER A 210 -3.54 -4.48 -6.31
N SER A 211 -2.92 -4.53 -7.51
CA SER A 211 -1.47 -4.52 -7.58
C SER A 211 -1.04 -3.96 -8.93
N ALA A 212 0.04 -3.19 -8.93
CA ALA A 212 0.65 -2.70 -10.18
C ALA A 212 1.26 -3.82 -11.01
N VAL A 213 1.32 -3.58 -12.30
CA VAL A 213 2.01 -4.45 -13.26
C VAL A 213 3.23 -3.69 -13.77
N VAL A 214 4.43 -4.14 -13.39
CA VAL A 214 5.67 -3.50 -13.83
C VAL A 214 5.93 -3.90 -15.28
N GLY A 215 6.45 -2.97 -16.07
N GLY A 215 6.38 -2.96 -16.10
CA GLY A 215 6.86 -3.31 -17.41
CA GLY A 215 6.60 -3.26 -17.51
C GLY A 215 7.40 -2.21 -18.29
C GLY A 215 7.77 -2.51 -18.07
OAA B95 B . -7.44 8.35 1.13
BRAB B95 B . -8.30 3.20 -0.38
CAC B95 B . -12.33 3.90 0.21
CAD B95 B . -12.32 4.83 1.25
CAE B95 B . -14.63 7.40 4.51
CAF B95 B . -14.35 7.70 5.83
CAG B95 B . -11.13 3.37 -0.25
CAH B95 B . -11.14 5.29 1.81
CAI B95 B . -13.72 7.71 3.50
CAJ B95 B . -13.17 8.32 6.19
CAK B95 B . -8.17 8.83 3.78
CAL B95 B . -9.26 9.87 3.54
CAM B95 B . -8.01 6.09 1.12
NAN B95 B . -11.48 8.74 3.09
NAO B95 B . -8.36 7.58 3.04
NAP B95 B . -11.04 9.20 5.21
OAQ B95 B . -8.77 5.21 1.89
CAR B95 B . -7.91 7.42 1.78
CAS B95 B . -9.94 3.84 0.31
CAT B95 B . -10.57 9.27 3.93
CAU B95 B . -9.95 4.78 1.34
CAV B95 B . -12.54 8.33 3.84
CAW B95 B . -12.27 8.62 5.18
C1 EDO C . 10.27 -4.70 5.47
O1 EDO C . 11.20 -5.68 5.88
C2 EDO C . 10.00 -3.81 6.67
O2 EDO C . 9.14 -2.74 6.31
C1 EDO D . 6.91 -1.61 18.63
O1 EDO D . 6.90 -2.66 17.66
C2 EDO D . 6.83 -0.28 17.94
O2 EDO D . 5.45 -0.18 17.64
C1 EDO E . -13.31 -14.30 1.26
O1 EDO E . -12.21 -14.77 1.99
C2 EDO E . -14.29 -14.07 2.40
O2 EDO E . -13.97 -13.21 3.48
C1 EDO F . 8.15 9.11 3.12
O1 EDO F . 9.57 8.91 3.16
C2 EDO F . 7.72 9.54 4.53
O2 EDO F . 7.88 8.52 5.57
C1 EDO G . 7.35 10.51 -17.97
O1 EDO G . 8.18 9.81 -18.88
C2 EDO G . 8.18 10.82 -16.73
O2 EDO G . 9.26 11.73 -17.08
C1 EDO H . -6.46 8.63 -15.68
O1 EDO H . -6.04 9.43 -14.60
C2 EDO H . -7.99 8.63 -15.81
O2 EDO H . -8.44 9.98 -15.90
C1 EDO I . -10.17 -16.90 3.33
O1 EDO I . -11.07 -17.98 3.09
C2 EDO I . -8.74 -17.38 3.30
O2 EDO I . -8.43 -17.64 4.67
C1 EDO J . -1.86 -15.67 -10.14
O1 EDO J . -0.54 -15.65 -10.70
C2 EDO J . -2.02 -16.73 -9.04
O2 EDO J . -3.33 -16.65 -8.44
C1 EDO K . 17.63 10.54 -7.32
O1 EDO K . 16.66 9.50 -7.01
C2 EDO K . 18.15 10.62 -8.74
O2 EDO K . 19.36 9.85 -8.89
C1 EDO L . 14.23 1.11 0.59
O1 EDO L . 15.43 0.89 -0.16
C2 EDO L . 14.27 0.39 1.95
O2 EDO L . 13.51 1.15 2.93
S Z22 M . -4.84 8.06 5.33
C Z22 M . -5.96 8.37 6.63
#